data_6BKE
#
_entry.id   6BKE
#
_cell.length_a   108.198
_cell.length_b   108.198
_cell.length_c   41.942
_cell.angle_alpha   90.00
_cell.angle_beta   90.00
_cell.angle_gamma   120.00
#
_symmetry.space_group_name_H-M   'P 61'
#
loop_
_entity.id
_entity.type
_entity.pdbx_description
1 polymer 'Tyrosine-protein kinase BTK'
2 non-polymer 'SULFATE ION'
3 non-polymer N-[2-(2-hydroxyethyl)-3-{5-[(5-methyl-4,5,6,7-tetrahydropyrazolo[1,5-a]pyrazin-2-yl)amino]-6-oxo-1,6-dihydropyridazin-3-yl}phenyl]-1-benzothiophene-2-carboxamide
4 water water
#
_entity_poly.entity_id   1
_entity_poly.type   'polypeptide(L)'
_entity_poly.pdbx_seq_one_letter_code
;MGSWEIDPKDLTFLKELGTGQFGVVKYGKWRGQYDVAIKMIKEGSMSEDEFIEEAKVMMNLSHEKLVQLYGVCTKQRPIF
IITEYMANG(OCS)LLNYLREMRHRFQTQQLLEMCKDVCEAMEYLESKQFLHRDLAARNCLVNDQGVVKVSDFGLSRYVL
DDEYTSSVGSKFPVRWSPPEVLMYSKFSSKSDIWAFGVLMWEIYSLGKMPYERFTNSETAEHIAQGLRLYRPHLASEKVY
TIMYSCWHEKADERPTFKILLSNILDVMDENLYFQGEEYMPTEHHHHHHHH
;
_entity_poly.pdbx_strand_id   A
#
loop_
_chem_comp.id
_chem_comp.type
_chem_comp.name
_chem_comp.formula
DVJ non-polymer N-[2-(2-hydroxyethyl)-3-{5-[(5-methyl-4,5,6,7-tetrahydropyrazolo[1,5-a]pyrazin-2-yl)amino]-6-oxo-1,6-dihydropyridazin-3-yl}phenyl]-1-benzothiophene-2-carboxamide 'C28 H27 N7 O3 S'
SO4 non-polymer 'SULFATE ION' 'O4 S -2'
#
# COMPACT_ATOMS: atom_id res chain seq x y z
N TRP A 4 -17.22 4.77 14.00
CA TRP A 4 -16.85 3.84 15.05
C TRP A 4 -15.83 4.45 16.00
N GLU A 5 -16.31 5.13 17.04
CA GLU A 5 -15.43 5.66 18.08
C GLU A 5 -15.18 4.57 19.13
N ILE A 6 -13.92 4.17 19.27
CA ILE A 6 -13.56 3.14 20.24
C ILE A 6 -13.34 3.75 21.62
N ASP A 7 -13.72 3.01 22.65
CA ASP A 7 -13.47 3.43 24.02
C ASP A 7 -12.05 2.98 24.41
N PRO A 8 -11.12 3.94 24.62
CA PRO A 8 -9.72 3.62 24.90
C PRO A 8 -9.52 2.71 26.12
N LYS A 9 -10.55 2.59 26.94
CA LYS A 9 -10.52 1.67 28.08
C LYS A 9 -10.60 0.22 27.60
N ASP A 10 -11.13 0.02 26.41
CA ASP A 10 -11.23 -1.32 25.84
C ASP A 10 -9.92 -1.74 25.18
N LEU A 11 -8.94 -0.84 25.17
CA LEU A 11 -7.64 -1.13 24.56
C LEU A 11 -6.58 -1.48 25.60
N THR A 12 -5.79 -2.50 25.29
CA THR A 12 -4.65 -2.88 26.13
C THR A 12 -3.38 -2.91 25.27
N PHE A 13 -2.42 -2.05 25.60
N PHE A 13 -2.41 -2.08 25.62
CA PHE A 13 -1.14 -2.01 24.90
CA PHE A 13 -1.15 -2.03 24.90
C PHE A 13 -0.25 -3.15 25.37
C PHE A 13 -0.19 -3.11 25.38
N LEU A 14 0.48 -3.76 24.43
CA LEU A 14 1.32 -4.91 24.74
C LEU A 14 2.76 -4.77 24.21
N LYS A 15 2.92 -4.34 22.97
CA LYS A 15 4.23 -4.29 22.34
C LYS A 15 4.40 -3.14 21.35
N GLU A 16 5.61 -2.61 21.28
CA GLU A 16 5.98 -1.63 20.28
C GLU A 16 6.22 -2.34 18.94
N LEU A 17 5.58 -1.84 17.89
CA LEU A 17 5.69 -2.45 16.57
C LEU A 17 6.56 -1.64 15.63
N GLY A 18 6.89 -0.41 16.05
CA GLY A 18 7.74 0.44 15.26
C GLY A 18 7.16 1.83 15.06
N THR A 19 7.61 2.47 14.00
CA THR A 19 7.33 3.88 13.77
C THR A 19 6.97 4.12 12.31
N GLY A 20 5.97 4.97 12.09
CA GLY A 20 5.59 5.36 10.75
C GLY A 20 5.49 6.87 10.63
N GLN A 21 4.81 7.31 9.57
CA GLN A 21 4.73 8.72 9.21
C GLN A 21 3.98 9.53 10.26
N PHE A 22 3.15 8.84 11.06
CA PHE A 22 2.37 9.47 12.12
C PHE A 22 2.94 9.17 13.49
N GLY A 23 4.08 8.47 13.52
CA GLY A 23 4.77 8.21 14.78
C GLY A 23 4.66 6.77 15.23
N VAL A 24 4.48 6.60 16.53
CA VAL A 24 4.56 5.29 17.16
C VAL A 24 3.38 4.40 16.82
N VAL A 25 3.67 3.13 16.57
CA VAL A 25 2.63 2.13 16.37
C VAL A 25 2.83 1.01 17.38
N LYS A 26 1.73 0.62 18.02
CA LYS A 26 1.77 -0.41 19.05
C LYS A 26 0.86 -1.57 18.72
N TYR A 27 1.25 -2.76 19.18
CA TYR A 27 0.37 -3.92 19.14
C TYR A 27 -0.36 -4.02 20.47
N GLY A 28 -1.64 -4.34 20.44
CA GLY A 28 -2.40 -4.51 21.65
C GLY A 28 -3.65 -5.32 21.40
N LYS A 29 -4.55 -5.32 22.37
CA LYS A 29 -5.80 -6.05 22.24
C LYS A 29 -7.00 -5.15 22.48
N TRP A 30 -8.08 -5.46 21.79
CA TRP A 30 -9.34 -4.79 22.01
C TRP A 30 -10.29 -5.74 22.76
N ARG A 31 -10.77 -5.31 23.92
CA ARG A 31 -11.61 -6.12 24.79
C ARG A 31 -11.01 -7.50 25.08
N GLY A 32 -9.70 -7.50 25.30
CA GLY A 32 -9.00 -8.69 25.78
C GLY A 32 -9.00 -9.90 24.87
N GLN A 33 -9.34 -9.70 23.59
CA GLN A 33 -9.44 -10.83 22.66
C GLN A 33 -8.93 -10.56 21.25
N TYR A 34 -9.25 -9.39 20.69
CA TYR A 34 -8.91 -9.10 19.29
C TYR A 34 -7.55 -8.42 19.16
N ASP A 35 -6.66 -9.06 18.41
CA ASP A 35 -5.33 -8.49 18.18
C ASP A 35 -5.44 -7.27 17.27
N VAL A 36 -4.97 -6.13 17.76
CA VAL A 36 -5.03 -4.89 17.00
C VAL A 36 -3.70 -4.16 16.95
N ALA A 37 -3.58 -3.29 15.95
CA ALA A 37 -2.48 -2.35 15.86
C ALA A 37 -3.04 -0.98 16.17
N ILE A 38 -2.29 -0.17 16.90
CA ILE A 38 -2.75 1.15 17.31
C ILE A 38 -1.73 2.20 16.91
N LYS A 39 -2.13 3.08 15.99
CA LYS A 39 -1.31 4.20 15.60
C LYS A 39 -1.58 5.36 16.54
N MET A 40 -0.55 5.78 17.27
CA MET A 40 -0.66 6.92 18.15
C MET A 40 -0.14 8.14 17.39
N ILE A 41 -1.07 9.01 17.00
CA ILE A 41 -0.76 10.09 16.09
C ILE A 41 0.02 11.22 16.78
N LYS A 42 1.29 11.33 16.40
CA LYS A 42 2.15 12.40 16.87
C LYS A 42 1.56 13.76 16.53
N GLU A 43 1.56 14.67 17.51
CA GLU A 43 1.07 16.03 17.29
C GLU A 43 1.89 16.73 16.20
N GLY A 44 1.19 17.33 15.23
CA GLY A 44 1.86 18.05 14.16
C GLY A 44 2.11 17.20 12.93
N SER A 45 1.86 15.91 13.04
CA SER A 45 2.17 14.98 11.95
C SER A 45 0.96 14.78 11.04
N MET A 46 -0.22 15.12 11.54
CA MET A 46 -1.46 14.89 10.79
C MET A 46 -2.35 16.13 10.76
N SER A 47 -3.08 16.27 9.65
CA SER A 47 -4.16 17.24 9.57
C SER A 47 -5.39 16.60 10.21
N GLU A 48 -5.46 16.69 11.54
CA GLU A 48 -6.43 15.96 12.34
C GLU A 48 -7.89 16.30 12.04
N ASP A 49 -8.19 17.60 12.01
CA ASP A 49 -9.54 18.06 11.72
C ASP A 49 -10.01 17.50 10.38
N GLU A 50 -9.13 17.57 9.40
CA GLU A 50 -9.41 17.09 8.04
C GLU A 50 -9.64 15.58 8.00
N PHE A 51 -8.99 14.86 8.91
CA PHE A 51 -9.07 13.41 8.95
C PHE A 51 -10.37 12.94 9.58
N ILE A 52 -10.72 13.56 10.71
CA ILE A 52 -11.94 13.22 11.43
C ILE A 52 -13.13 13.62 10.59
N GLU A 53 -12.99 14.72 9.87
CA GLU A 53 -14.03 15.21 8.97
C GLU A 53 -14.41 14.18 7.91
N GLU A 54 -13.42 13.44 7.40
CA GLU A 54 -13.66 12.45 6.34
C GLU A 54 -13.50 10.99 6.80
N ALA A 55 -13.75 10.72 8.07
CA ALA A 55 -13.52 9.38 8.63
C ALA A 55 -14.63 8.38 8.30
N LYS A 56 -15.83 8.89 8.00
CA LYS A 56 -17.01 8.04 7.81
C LYS A 56 -16.85 7.09 6.63
N VAL A 57 -16.19 7.56 5.57
CA VAL A 57 -16.06 6.78 4.33
C VAL A 57 -15.06 5.63 4.51
N MET A 58 -13.96 5.90 5.19
CA MET A 58 -12.99 4.86 5.52
C MET A 58 -13.66 3.76 6.34
N MET A 59 -14.61 4.17 7.17
CA MET A 59 -15.33 3.24 8.04
C MET A 59 -16.23 2.31 7.22
N ASN A 60 -16.62 2.77 6.03
CA ASN A 60 -17.52 2.01 5.17
C ASN A 60 -16.77 1.05 4.23
N LEU A 61 -15.44 1.15 4.23
CA LEU A 61 -14.61 0.31 3.38
C LEU A 61 -14.30 -1.01 4.10
N SER A 62 -14.77 -2.12 3.53
CA SER A 62 -14.60 -3.42 4.16
C SER A 62 -14.32 -4.50 3.11
N HIS A 63 -13.21 -5.21 3.28
CA HIS A 63 -12.83 -6.25 2.34
C HIS A 63 -11.77 -7.14 2.98
N GLU A 64 -11.81 -8.43 2.66
CA GLU A 64 -10.91 -9.41 3.28
C GLU A 64 -9.44 -9.06 3.03
N LYS A 65 -9.14 -8.54 1.84
CA LYS A 65 -7.78 -8.20 1.46
C LYS A 65 -7.45 -6.74 1.75
N LEU A 66 -8.38 -6.05 2.42
CA LEU A 66 -8.11 -4.75 3.01
C LEU A 66 -7.91 -4.91 4.50
N VAL A 67 -6.87 -4.28 5.04
CA VAL A 67 -6.71 -4.21 6.49
C VAL A 67 -7.91 -3.51 7.10
N GLN A 68 -8.55 -4.18 8.04
CA GLN A 68 -9.80 -3.72 8.62
C GLN A 68 -9.59 -2.61 9.64
N LEU A 69 -10.32 -1.51 9.46
CA LEU A 69 -10.38 -0.46 10.47
C LEU A 69 -11.36 -0.84 11.56
N TYR A 70 -10.90 -0.88 12.80
CA TYR A 70 -11.77 -1.13 13.95
C TYR A 70 -12.44 0.17 14.36
N GLY A 71 -11.67 1.25 14.37
CA GLY A 71 -12.19 2.55 14.75
C GLY A 71 -11.11 3.54 15.15
N VAL A 72 -11.52 4.60 15.84
CA VAL A 72 -10.60 5.67 16.25
C VAL A 72 -10.91 6.20 17.64
N CYS A 73 -9.92 6.86 18.25
CA CYS A 73 -10.13 7.55 19.52
C CYS A 73 -9.76 9.03 19.33
N THR A 74 -10.76 9.91 19.38
CA THR A 74 -10.58 11.32 19.03
C THR A 74 -10.91 12.28 20.17
N LYS A 75 -11.33 11.74 21.31
CA LYS A 75 -11.72 12.56 22.46
C LYS A 75 -10.53 12.86 23.34
N GLN A 76 -9.35 12.59 22.81
CA GLN A 76 -8.12 12.70 23.58
C GLN A 76 -6.99 12.90 22.61
N ARG A 77 -5.86 13.38 23.12
CA ARG A 77 -4.64 13.47 22.32
C ARG A 77 -3.52 12.71 23.02
N PRO A 78 -2.73 11.95 22.26
CA PRO A 78 -2.81 11.77 20.81
C PRO A 78 -3.99 10.91 20.35
N ILE A 79 -4.46 11.20 19.14
CA ILE A 79 -5.49 10.39 18.49
C ILE A 79 -5.01 8.97 18.28
N PHE A 80 -5.94 8.02 18.36
CA PHE A 80 -5.65 6.64 18.04
C PHE A 80 -6.38 6.22 16.78
N ILE A 81 -5.68 5.47 15.94
CA ILE A 81 -6.31 4.75 14.85
C ILE A 81 -6.05 3.27 15.11
N ILE A 82 -7.12 2.49 15.16
CA ILE A 82 -7.01 1.10 15.56
C ILE A 82 -7.35 0.17 14.39
N THR A 83 -6.47 -0.79 14.15
CA THR A 83 -6.55 -1.61 12.95
C THR A 83 -6.27 -3.09 13.19
N GLU A 84 -6.75 -3.88 12.24
CA GLU A 84 -6.47 -5.30 12.16
C GLU A 84 -4.98 -5.60 12.24
N TYR A 85 -4.58 -6.38 13.24
CA TYR A 85 -3.19 -6.76 13.43
C TYR A 85 -2.77 -7.83 12.44
N MET A 86 -1.54 -7.74 11.96
CA MET A 86 -1.01 -8.63 10.94
C MET A 86 0.38 -9.08 11.39
N ALA A 87 0.45 -10.34 11.83
CA ALA A 87 1.57 -10.86 12.60
C ALA A 87 2.93 -10.81 11.89
N ASN A 88 2.93 -11.03 10.58
CA ASN A 88 4.17 -11.09 9.82
C ASN A 88 4.58 -9.71 9.30
N GLY A 89 3.84 -8.69 9.69
CA GLY A 89 4.23 -7.32 9.41
C GLY A 89 4.14 -6.98 7.94
N OCS A 90 4.94 -6.01 7.51
CA OCS A 90 4.80 -5.46 6.16
CB OCS A 90 5.32 -4.03 6.08
SG OCS A 90 7.12 -3.80 6.12
C OCS A 90 5.47 -6.37 5.13
O OCS A 90 6.43 -7.08 5.41
OD1 OCS A 90 7.69 -4.33 4.93
OD2 OCS A 90 7.65 -4.48 7.27
OD3 OCS A 90 7.40 -2.41 6.21
H OCS A 90 5.55 -5.63 7.98
HA OCS A 90 3.84 -5.44 5.94
HB2 OCS A 90 4.95 -3.53 6.83
HB3 OCS A 90 5.00 -3.63 5.25
N LEU A 91 4.94 -6.30 3.91
CA LEU A 91 5.25 -7.23 2.84
C LEU A 91 6.69 -7.17 2.38
N LEU A 92 7.26 -5.96 2.35
CA LEU A 92 8.61 -5.77 1.84
C LEU A 92 9.63 -6.60 2.63
N ASN A 93 9.59 -6.48 3.95
CA ASN A 93 10.52 -7.23 4.81
C ASN A 93 10.20 -8.72 4.82
N TYR A 94 8.92 -9.05 4.71
CA TYR A 94 8.47 -10.44 4.61
C TYR A 94 9.08 -11.11 3.38
N LEU A 95 9.06 -10.40 2.26
CA LEU A 95 9.67 -10.86 1.03
C LEU A 95 11.16 -11.10 1.21
N ARG A 96 11.83 -10.11 1.78
CA ARG A 96 13.26 -10.15 1.98
C ARG A 96 13.68 -11.25 2.96
N GLU A 97 12.83 -11.49 3.97
CA GLU A 97 13.15 -12.45 5.03
C GLU A 97 12.88 -13.90 4.63
N MET A 98 11.95 -14.10 3.69
CA MET A 98 11.51 -15.44 3.30
C MET A 98 11.79 -15.64 1.82
N ARG A 99 12.76 -14.89 1.34
CA ARG A 99 13.13 -14.80 -0.07
C ARG A 99 13.34 -16.13 -0.76
N HIS A 100 14.02 -17.05 -0.08
CA HIS A 100 14.42 -18.32 -0.68
C HIS A 100 13.37 -19.42 -0.48
N ARG A 101 12.24 -19.06 0.12
CA ARG A 101 11.17 -20.01 0.38
C ARG A 101 10.01 -19.88 -0.60
N PHE A 102 9.98 -18.80 -1.37
CA PHE A 102 8.82 -18.52 -2.22
C PHE A 102 8.80 -19.32 -3.50
N GLN A 103 7.65 -19.93 -3.76
CA GLN A 103 7.36 -20.51 -5.05
C GLN A 103 6.67 -19.45 -5.90
N THR A 104 6.77 -19.61 -7.22
CA THR A 104 6.18 -18.66 -8.16
C THR A 104 4.67 -18.50 -8.00
N GLN A 105 3.99 -19.60 -7.70
CA GLN A 105 2.54 -19.56 -7.49
C GLN A 105 2.17 -18.65 -6.34
N GLN A 106 3.03 -18.61 -5.32
CA GLN A 106 2.79 -17.80 -4.14
C GLN A 106 2.91 -16.31 -4.47
N LEU A 107 3.92 -15.97 -5.25
CA LEU A 107 4.14 -14.58 -5.66
C LEU A 107 2.91 -14.03 -6.38
N LEU A 108 2.29 -14.87 -7.21
CA LEU A 108 1.12 -14.47 -7.98
C LEU A 108 -0.11 -14.31 -7.11
N GLU A 109 -0.26 -15.18 -6.11
CA GLU A 109 -1.38 -15.12 -5.18
C GLU A 109 -1.32 -13.83 -4.37
N MET A 110 -0.10 -13.39 -4.08
N MET A 110 -0.10 -13.37 -4.08
CA MET A 110 0.13 -12.13 -3.37
CA MET A 110 0.08 -12.14 -3.34
C MET A 110 -0.33 -10.95 -4.20
C MET A 110 -0.28 -10.91 -4.18
N CYS A 111 0.06 -10.96 -5.47
CA CYS A 111 -0.38 -9.94 -6.42
C CYS A 111 -1.89 -9.93 -6.47
N LYS A 112 -2.46 -11.12 -6.51
CA LYS A 112 -3.91 -11.31 -6.58
C LYS A 112 -4.62 -10.74 -5.34
N ASP A 113 -4.07 -11.01 -4.16
CA ASP A 113 -4.63 -10.50 -2.91
C ASP A 113 -4.75 -8.98 -2.99
N VAL A 114 -3.65 -8.35 -3.36
CA VAL A 114 -3.57 -6.91 -3.45
C VAL A 114 -4.52 -6.36 -4.49
N CYS A 115 -4.55 -7.01 -5.66
CA CYS A 115 -5.38 -6.55 -6.77
C CYS A 115 -6.86 -6.62 -6.44
N GLU A 116 -7.26 -7.65 -5.69
CA GLU A 116 -8.64 -7.79 -5.27
C GLU A 116 -9.07 -6.60 -4.41
N ALA A 117 -8.19 -6.19 -3.51
CA ALA A 117 -8.43 -5.07 -2.62
C ALA A 117 -8.55 -3.76 -3.41
N MET A 118 -7.67 -3.58 -4.39
CA MET A 118 -7.63 -2.36 -5.17
C MET A 118 -8.83 -2.26 -6.13
N GLU A 119 -9.30 -3.40 -6.62
N GLU A 119 -9.30 -3.40 -6.62
CA GLU A 119 -10.51 -3.46 -7.43
CA GLU A 119 -10.52 -3.47 -7.44
C GLU A 119 -11.69 -2.92 -6.63
C GLU A 119 -11.68 -2.92 -6.62
N TYR A 120 -11.77 -3.36 -5.38
CA TYR A 120 -12.83 -2.94 -4.48
C TYR A 120 -12.75 -1.45 -4.19
N LEU A 121 -11.53 -0.95 -3.98
CA LEU A 121 -11.31 0.47 -3.74
C LEU A 121 -11.67 1.27 -4.99
N GLU A 122 -11.26 0.73 -6.13
CA GLU A 122 -11.58 1.33 -7.42
C GLU A 122 -13.09 1.43 -7.60
N SER A 123 -13.81 0.41 -7.15
CA SER A 123 -15.26 0.37 -7.26
C SER A 123 -15.93 1.41 -6.37
N LYS A 124 -15.23 1.82 -5.32
CA LYS A 124 -15.75 2.82 -4.39
C LYS A 124 -15.14 4.19 -4.66
N GLN A 125 -14.47 4.30 -5.80
CA GLN A 125 -13.83 5.54 -6.22
C GLN A 125 -12.96 6.10 -5.09
N PHE A 126 -12.25 5.19 -4.43
CA PHE A 126 -11.36 5.56 -3.33
C PHE A 126 -9.90 5.30 -3.73
N LEU A 127 -9.04 6.28 -3.50
CA LEU A 127 -7.64 6.18 -3.90
C LEU A 127 -6.73 5.91 -2.70
N HIS A 128 -5.74 5.06 -2.93
CA HIS A 128 -4.73 4.76 -1.92
C HIS A 128 -3.70 5.87 -1.82
N ARG A 129 -3.03 6.14 -2.95
CA ARG A 129 -2.07 7.26 -3.11
C ARG A 129 -0.64 6.97 -2.68
N ASP A 130 -0.43 5.83 -2.03
CA ASP A 130 0.91 5.42 -1.60
C ASP A 130 0.96 3.90 -1.53
N LEU A 131 0.50 3.27 -2.61
CA LEU A 131 0.53 1.81 -2.71
C LEU A 131 1.97 1.34 -2.94
N ALA A 132 2.38 0.35 -2.16
CA ALA A 132 3.75 -0.13 -2.16
C ALA A 132 3.78 -1.27 -1.16
N ALA A 133 4.79 -2.13 -1.26
CA ALA A 133 4.88 -3.30 -0.39
C ALA A 133 4.95 -2.91 1.08
N ARG A 134 5.60 -1.79 1.37
CA ARG A 134 5.75 -1.32 2.74
C ARG A 134 4.39 -0.98 3.36
N ASN A 135 3.41 -0.71 2.49
CA ASN A 135 2.06 -0.40 2.94
C ASN A 135 1.09 -1.52 2.59
N CYS A 136 1.64 -2.73 2.51
CA CYS A 136 0.85 -3.95 2.55
C CYS A 136 1.32 -4.74 3.76
N LEU A 137 0.40 -5.45 4.42
CA LEU A 137 0.73 -6.24 5.59
C LEU A 137 0.41 -7.71 5.33
N VAL A 138 1.05 -8.59 6.11
CA VAL A 138 0.90 -10.03 5.91
C VAL A 138 0.54 -10.68 7.23
N ASN A 139 -0.47 -11.56 7.20
CA ASN A 139 -0.90 -12.23 8.43
C ASN A 139 -0.22 -13.58 8.64
N ASP A 140 -0.71 -14.34 9.61
CA ASP A 140 -0.02 -15.55 10.06
C ASP A 140 -0.19 -16.71 9.08
N GLN A 141 -1.11 -16.55 8.13
CA GLN A 141 -1.35 -17.58 7.11
C GLN A 141 -0.83 -17.17 5.74
N GLY A 142 -0.15 -16.04 5.68
CA GLY A 142 0.52 -15.61 4.46
C GLY A 142 -0.36 -14.78 3.55
N VAL A 143 -1.54 -14.38 4.04
CA VAL A 143 -2.43 -13.55 3.23
C VAL A 143 -1.98 -12.08 3.28
N VAL A 144 -1.80 -11.50 2.11
CA VAL A 144 -1.40 -10.10 1.98
C VAL A 144 -2.63 -9.20 1.99
N LYS A 145 -2.54 -8.06 2.68
CA LYS A 145 -3.65 -7.11 2.72
C LYS A 145 -3.16 -5.67 2.58
N VAL A 146 -3.92 -4.86 1.86
CA VAL A 146 -3.54 -3.48 1.60
C VAL A 146 -3.81 -2.60 2.82
N SER A 147 -2.83 -1.76 3.15
CA SER A 147 -2.85 -0.98 4.38
C SER A 147 -2.66 0.51 4.14
N ASP A 148 -3.19 1.33 5.05
CA ASP A 148 -2.92 2.76 5.07
C ASP A 148 -3.40 3.46 3.79
N PHE A 149 -4.48 2.94 3.23
CA PHE A 149 -5.09 3.52 2.04
C PHE A 149 -5.78 4.86 2.34
N GLY A 150 -5.29 5.93 1.72
CA GLY A 150 -5.91 7.23 1.81
C GLY A 150 -5.30 8.18 2.84
N LEU A 151 -4.41 7.67 3.67
CA LEU A 151 -3.86 8.46 4.78
C LEU A 151 -2.83 9.51 4.34
N SER A 152 -2.26 9.32 3.15
CA SER A 152 -1.25 10.24 2.64
C SER A 152 -1.80 11.65 2.57
N ARG A 153 -3.10 11.76 2.30
CA ARG A 153 -3.77 13.05 2.19
C ARG A 153 -3.66 13.86 3.47
N TYR A 154 -3.42 13.17 4.59
CA TYR A 154 -3.49 13.78 5.91
C TYR A 154 -2.11 14.01 6.50
N VAL A 155 -1.06 13.68 5.75
CA VAL A 155 0.30 13.83 6.25
C VAL A 155 0.75 15.28 6.21
N LEU A 156 1.30 15.75 7.33
CA LEU A 156 1.92 17.06 7.39
C LEU A 156 3.43 16.89 7.47
N ASP A 157 4.05 16.79 6.31
CA ASP A 157 5.51 16.70 6.22
C ASP A 157 5.89 17.02 4.79
N ASP A 158 6.47 18.20 4.60
CA ASP A 158 6.79 18.69 3.28
C ASP A 158 7.69 17.71 2.51
N GLU A 159 8.52 16.98 3.23
CA GLU A 159 9.40 15.99 2.63
C GLU A 159 8.62 14.82 2.04
N TYR A 160 7.39 14.64 2.50
CA TYR A 160 6.54 13.54 2.02
C TYR A 160 5.49 14.04 1.03
N THR A 161 4.99 15.25 1.24
CA THR A 161 3.91 15.79 0.42
C THR A 161 4.43 16.38 -0.89
N SER A 162 5.68 16.86 -0.88
CA SER A 162 6.28 17.42 -2.08
C SER A 162 6.90 16.35 -2.95
N SER A 163 6.66 16.45 -4.25
CA SER A 163 7.19 15.51 -5.23
C SER A 163 8.72 15.54 -5.30
N VAL A 164 9.32 16.63 -4.83
CA VAL A 164 10.78 16.74 -4.76
C VAL A 164 11.27 16.53 -3.33
N GLY A 165 10.37 16.07 -2.46
CA GLY A 165 10.71 15.74 -1.09
C GLY A 165 11.42 14.41 -0.98
N SER A 166 12.11 14.21 0.14
CA SER A 166 12.95 13.04 0.35
C SER A 166 12.14 11.77 0.64
N LYS A 167 10.90 11.96 1.09
CA LYS A 167 10.05 10.85 1.52
C LYS A 167 8.94 10.53 0.54
N PHE A 168 8.82 11.35 -0.50
CA PHE A 168 7.79 11.16 -1.51
C PHE A 168 7.99 9.82 -2.24
N PRO A 169 6.91 9.09 -2.51
CA PRO A 169 7.02 7.80 -3.22
C PRO A 169 7.20 7.97 -4.73
N VAL A 170 8.35 8.52 -5.11
CA VAL A 170 8.70 8.76 -6.51
C VAL A 170 8.72 7.47 -7.33
N ARG A 171 9.30 6.43 -6.76
CA ARG A 171 9.52 5.17 -7.47
C ARG A 171 8.22 4.40 -7.70
N TRP A 172 7.16 4.85 -7.04
CA TRP A 172 5.84 4.24 -7.21
C TRP A 172 4.86 5.18 -7.91
N SER A 173 5.39 6.26 -8.46
CA SER A 173 4.54 7.31 -9.03
C SER A 173 4.67 7.41 -10.55
N PRO A 174 3.54 7.62 -11.25
CA PRO A 174 3.59 7.83 -12.70
C PRO A 174 3.99 9.27 -13.03
N PRO A 175 4.27 9.56 -14.32
CA PRO A 175 4.71 10.89 -14.75
C PRO A 175 3.73 12.01 -14.38
N GLU A 176 2.43 11.75 -14.52
CA GLU A 176 1.43 12.80 -14.31
C GLU A 176 1.37 13.23 -12.83
N VAL A 177 1.81 12.36 -11.94
CA VAL A 177 1.89 12.66 -10.52
C VAL A 177 3.13 13.50 -10.23
N LEU A 178 4.25 13.09 -10.80
CA LEU A 178 5.52 13.75 -10.60
C LEU A 178 5.52 15.14 -11.25
N MET A 179 4.74 15.28 -12.32
CA MET A 179 4.67 16.52 -13.08
C MET A 179 3.54 17.44 -12.63
N TYR A 180 2.34 16.88 -12.54
CA TYR A 180 1.11 17.68 -12.37
C TYR A 180 0.36 17.33 -11.10
N SER A 181 0.88 16.38 -10.33
N SER A 181 0.88 16.38 -10.32
CA SER A 181 0.24 15.89 -9.12
CA SER A 181 0.22 15.91 -9.11
C SER A 181 -1.22 15.48 -9.40
C SER A 181 -1.22 15.48 -9.39
N LYS A 182 -1.43 14.84 -10.54
CA LYS A 182 -2.75 14.33 -10.91
C LYS A 182 -2.93 12.89 -10.43
N PHE A 183 -3.51 12.74 -9.23
CA PHE A 183 -3.80 11.42 -8.70
C PHE A 183 -5.10 10.88 -9.25
N SER A 184 -5.09 9.59 -9.59
CA SER A 184 -6.27 8.93 -10.09
C SER A 184 -6.13 7.44 -9.84
N SER A 185 -7.16 6.70 -10.23
CA SER A 185 -7.11 5.25 -10.23
C SER A 185 -5.86 4.77 -10.96
N LYS A 186 -5.49 5.47 -12.03
CA LYS A 186 -4.41 5.04 -12.91
C LYS A 186 -3.04 5.25 -12.27
N SER A 187 -2.96 6.14 -11.29
CA SER A 187 -1.74 6.31 -10.52
C SER A 187 -1.59 5.16 -9.53
N ASP A 188 -2.72 4.68 -9.01
CA ASP A 188 -2.71 3.49 -8.16
C ASP A 188 -2.34 2.26 -8.99
N ILE A 189 -2.76 2.27 -10.25
CA ILE A 189 -2.46 1.17 -11.18
C ILE A 189 -0.96 1.08 -11.40
N TRP A 190 -0.35 2.22 -11.69
CA TRP A 190 1.10 2.30 -11.94
C TRP A 190 1.85 1.75 -10.73
N ALA A 191 1.43 2.19 -9.56
CA ALA A 191 2.06 1.79 -8.31
C ALA A 191 1.97 0.30 -8.09
N PHE A 192 0.82 -0.27 -8.46
CA PHE A 192 0.58 -1.69 -8.30
C PHE A 192 1.56 -2.51 -9.15
N GLY A 193 1.89 -2.01 -10.34
CA GLY A 193 2.87 -2.67 -11.19
C GLY A 193 4.23 -2.71 -10.53
N VAL A 194 4.61 -1.60 -9.91
CA VAL A 194 5.88 -1.52 -9.19
C VAL A 194 5.84 -2.50 -8.02
N LEU A 195 4.67 -2.61 -7.38
CA LEU A 195 4.48 -3.57 -6.30
C LEU A 195 4.65 -5.00 -6.78
N MET A 196 4.09 -5.32 -7.94
CA MET A 196 4.27 -6.65 -8.53
C MET A 196 5.75 -6.92 -8.73
N TRP A 197 6.48 -5.87 -9.09
CA TRP A 197 7.91 -5.97 -9.31
C TRP A 197 8.66 -6.20 -8.00
N GLU A 198 8.22 -5.51 -6.94
CA GLU A 198 8.78 -5.74 -5.61
C GLU A 198 8.61 -7.20 -5.20
N ILE A 199 7.43 -7.76 -5.50
CA ILE A 199 7.11 -9.12 -5.13
C ILE A 199 7.99 -10.13 -5.87
N TYR A 200 8.04 -10.01 -7.19
CA TYR A 200 8.77 -10.97 -8.02
C TYR A 200 10.28 -10.80 -7.96
N SER A 201 10.73 -9.65 -7.49
CA SER A 201 12.16 -9.41 -7.26
C SER A 201 12.52 -9.82 -5.83
N LEU A 202 11.51 -10.24 -5.07
CA LEU A 202 11.70 -10.65 -3.68
C LEU A 202 12.26 -9.55 -2.79
N GLY A 203 11.72 -8.34 -2.95
CA GLY A 203 11.95 -7.27 -1.99
C GLY A 203 13.03 -6.28 -2.35
N LYS A 204 13.42 -6.24 -3.63
CA LYS A 204 14.43 -5.28 -4.07
C LYS A 204 13.86 -3.88 -4.17
N MET A 205 14.74 -2.87 -4.10
CA MET A 205 14.32 -1.49 -4.23
C MET A 205 14.24 -1.10 -5.70
N PRO A 206 13.12 -0.49 -6.14
CA PRO A 206 13.03 -0.08 -7.54
C PRO A 206 14.05 0.99 -7.92
N TYR A 207 14.66 0.85 -9.10
CA TYR A 207 15.63 1.81 -9.60
C TYR A 207 16.74 2.00 -8.58
N GLU A 208 17.28 0.89 -8.09
CA GLU A 208 18.37 0.94 -7.12
C GLU A 208 19.60 1.65 -7.72
N ARG A 209 20.28 2.45 -6.91
CA ARG A 209 21.41 3.27 -7.34
C ARG A 209 20.97 4.48 -8.20
N PHE A 210 19.68 4.56 -8.53
CA PHE A 210 19.12 5.80 -9.07
C PHE A 210 18.63 6.67 -7.93
N THR A 211 18.84 7.97 -8.05
CA THR A 211 18.19 8.92 -7.18
C THR A 211 16.72 9.05 -7.60
N ASN A 212 15.93 9.72 -6.79
CA ASN A 212 14.53 9.98 -7.11
C ASN A 212 14.40 10.83 -8.37
N SER A 213 15.26 11.83 -8.49
CA SER A 213 15.23 12.74 -9.63
C SER A 213 15.63 11.99 -10.90
N GLU A 214 16.69 11.19 -10.80
CA GLU A 214 17.14 10.35 -11.90
C GLU A 214 16.05 9.37 -12.32
N THR A 215 15.31 8.87 -11.34
CA THR A 215 14.22 7.94 -11.59
C THR A 215 13.08 8.64 -12.32
N ALA A 216 12.75 9.86 -11.88
CA ALA A 216 11.72 10.67 -12.52
C ALA A 216 12.10 10.99 -13.96
N GLU A 217 13.37 11.31 -14.15
CA GLU A 217 13.92 11.64 -15.47
C GLU A 217 13.78 10.48 -16.43
N HIS A 218 14.12 9.28 -15.94
CA HIS A 218 14.21 8.12 -16.81
C HIS A 218 12.86 7.49 -17.16
N ILE A 219 11.92 7.50 -16.22
CA ILE A 219 10.58 6.98 -16.53
C ILE A 219 9.82 7.94 -17.43
N ALA A 220 10.12 9.23 -17.32
CA ALA A 220 9.55 10.23 -18.22
C ALA A 220 10.05 9.96 -19.64
N GLN A 221 11.30 9.53 -19.75
CA GLN A 221 11.92 9.23 -21.03
C GLN A 221 11.61 7.81 -21.50
N GLY A 222 10.78 7.10 -20.75
CA GLY A 222 10.25 5.82 -21.20
C GLY A 222 10.91 4.59 -20.58
N LEU A 223 11.89 4.79 -19.70
CA LEU A 223 12.56 3.66 -19.05
C LEU A 223 11.62 2.99 -18.04
N ARG A 224 11.67 1.67 -17.99
CA ARG A 224 10.81 0.89 -17.11
C ARG A 224 11.62 -0.17 -16.40
N LEU A 225 11.05 -0.67 -15.30
CA LEU A 225 11.71 -1.68 -14.49
C LEU A 225 11.89 -2.99 -15.27
N TYR A 226 13.10 -3.55 -15.19
CA TYR A 226 13.42 -4.79 -15.88
C TYR A 226 12.58 -5.94 -15.36
N ARG A 227 12.49 -7.02 -16.13
CA ARG A 227 11.75 -8.20 -15.71
C ARG A 227 12.57 -8.99 -14.69
N PRO A 228 12.03 -9.17 -13.47
CA PRO A 228 12.71 -10.02 -12.47
C PRO A 228 12.79 -11.47 -12.93
N HIS A 229 13.86 -12.15 -12.54
CA HIS A 229 14.12 -13.53 -12.95
C HIS A 229 12.95 -14.49 -12.79
N LEU A 230 12.16 -14.30 -11.74
CA LEU A 230 11.10 -15.23 -11.39
C LEU A 230 9.78 -14.89 -12.06
N ALA A 231 9.77 -13.77 -12.80
CA ALA A 231 8.56 -13.36 -13.51
C ALA A 231 8.55 -13.92 -14.92
N SER A 232 7.50 -14.67 -15.24
CA SER A 232 7.24 -15.12 -16.60
C SER A 232 6.95 -13.91 -17.48
N GLU A 233 6.92 -14.14 -18.79
CA GLU A 233 6.62 -13.08 -19.75
C GLU A 233 5.17 -12.63 -19.63
N LYS A 234 4.29 -13.58 -19.30
CA LYS A 234 2.89 -13.28 -19.10
C LYS A 234 2.69 -12.36 -17.89
N VAL A 235 3.42 -12.64 -16.83
CA VAL A 235 3.34 -11.86 -15.60
C VAL A 235 3.91 -10.46 -15.82
N TYR A 236 5.04 -10.39 -16.49
CA TYR A 236 5.70 -9.11 -16.76
C TYR A 236 4.83 -8.23 -17.67
N THR A 237 4.14 -8.85 -18.61
CA THR A 237 3.24 -8.13 -19.51
C THR A 237 2.13 -7.46 -18.70
N ILE A 238 1.65 -8.14 -17.67
CA ILE A 238 0.64 -7.59 -16.77
C ILE A 238 1.14 -6.34 -16.04
N MET A 239 2.31 -6.46 -15.39
CA MET A 239 2.86 -5.33 -14.64
C MET A 239 3.28 -4.20 -15.56
N TYR A 240 3.76 -4.55 -16.74
CA TYR A 240 4.22 -3.55 -17.71
C TYR A 240 3.06 -2.72 -18.24
N SER A 241 1.88 -3.31 -18.29
CA SER A 241 0.69 -2.65 -18.80
C SER A 241 0.25 -1.53 -17.86
N CYS A 242 0.76 -1.56 -16.63
CA CYS A 242 0.42 -0.57 -15.63
C CYS A 242 1.28 0.69 -15.81
N TRP A 243 2.26 0.60 -16.69
CA TRP A 243 3.27 1.65 -16.81
C TRP A 243 3.21 2.44 -18.11
N HIS A 244 2.07 2.38 -18.78
N HIS A 244 2.07 2.38 -18.78
CA HIS A 244 1.84 3.22 -19.95
CA HIS A 244 1.84 3.21 -19.95
C HIS A 244 2.04 4.68 -19.56
C HIS A 244 2.04 4.68 -19.56
N GLU A 245 2.71 5.42 -20.43
CA GLU A 245 2.95 6.84 -20.21
C GLU A 245 1.61 7.54 -20.07
N LYS A 246 0.67 7.15 -20.93
CA LYS A 246 -0.65 7.71 -20.95
C LYS A 246 -1.59 6.90 -20.05
N ALA A 247 -2.12 7.57 -19.04
CA ALA A 247 -2.92 6.92 -18.01
C ALA A 247 -4.15 6.20 -18.56
N ASP A 248 -4.74 6.74 -19.62
CA ASP A 248 -5.97 6.19 -20.15
C ASP A 248 -5.72 4.92 -20.97
N GLU A 249 -4.45 4.60 -21.19
CA GLU A 249 -4.07 3.35 -21.84
C GLU A 249 -3.79 2.29 -20.79
N ARG A 250 -3.75 2.70 -19.53
CA ARG A 250 -3.54 1.75 -18.44
C ARG A 250 -4.82 1.00 -18.13
N PRO A 251 -4.70 -0.26 -17.71
CA PRO A 251 -5.89 -1.05 -17.39
C PRO A 251 -6.53 -0.66 -16.07
N THR A 252 -7.68 -1.27 -15.81
CA THR A 252 -8.36 -1.18 -14.54
C THR A 252 -7.93 -2.38 -13.72
N PHE A 253 -8.20 -2.33 -12.42
CA PHE A 253 -7.88 -3.45 -11.54
C PHE A 253 -8.73 -4.67 -11.82
N LYS A 254 -9.92 -4.44 -12.36
CA LYS A 254 -10.82 -5.52 -12.73
C LYS A 254 -10.19 -6.35 -13.85
N ILE A 255 -9.59 -5.65 -14.81
CA ILE A 255 -8.90 -6.29 -15.93
C ILE A 255 -7.63 -7.00 -15.45
N LEU A 256 -6.85 -6.32 -14.61
CA LEU A 256 -5.62 -6.89 -14.09
C LEU A 256 -5.90 -8.20 -13.34
N LEU A 257 -6.98 -8.19 -12.56
CA LEU A 257 -7.40 -9.38 -11.82
C LEU A 257 -7.76 -10.53 -12.77
N SER A 258 -8.45 -10.20 -13.85
CA SER A 258 -8.78 -11.19 -14.87
C SER A 258 -7.51 -11.76 -15.49
N ASN A 259 -6.55 -10.88 -15.78
CA ASN A 259 -5.26 -11.30 -16.31
C ASN A 259 -4.58 -12.28 -15.37
N ILE A 260 -4.54 -11.91 -14.09
CA ILE A 260 -3.88 -12.73 -13.07
C ILE A 260 -4.57 -14.09 -12.97
N LEU A 261 -5.90 -14.09 -12.97
CA LEU A 261 -6.67 -15.33 -12.92
C LEU A 261 -6.41 -16.20 -14.14
N ASP A 262 -6.27 -15.58 -15.30
CA ASP A 262 -6.01 -16.33 -16.52
C ASP A 262 -4.65 -17.02 -16.48
N VAL A 263 -3.67 -16.35 -15.88
CA VAL A 263 -2.33 -16.92 -15.76
C VAL A 263 -2.37 -18.10 -14.78
N MET A 264 -3.11 -17.93 -13.70
CA MET A 264 -3.34 -19.02 -12.74
C MET A 264 -3.94 -20.23 -13.43
N ASP A 265 -5.05 -20.00 -14.13
CA ASP A 265 -5.78 -21.06 -14.81
C ASP A 265 -4.89 -21.84 -15.78
N GLU A 266 -3.97 -21.14 -16.44
CA GLU A 266 -3.08 -21.78 -17.40
C GLU A 266 -2.08 -22.67 -16.67
N ASN A 267 -1.73 -22.28 -15.45
CA ASN A 267 -0.83 -23.06 -14.61
C ASN A 267 -1.59 -24.12 -13.83
S SO4 B . 19.09 -6.91 -2.29
O1 SO4 B . 17.80 -6.24 -2.35
O2 SO4 B . 20.06 -6.16 -3.08
O3 SO4 B . 18.96 -8.26 -2.82
O4 SO4 B . 19.52 -6.98 -0.91
S SO4 C . 16.07 -10.19 -9.81
O1 SO4 C . 16.20 -8.76 -9.61
O2 SO4 C . 16.00 -10.49 -11.23
O3 SO4 C . 14.87 -10.66 -9.16
O4 SO4 C . 17.22 -10.86 -9.22
S SO4 D . 20.24 -13.07 -2.01
O1 SO4 D . 19.42 -13.07 -3.21
O2 SO4 D . 21.39 -12.18 -2.20
O3 SO4 D . 20.71 -14.42 -1.77
O4 SO4 D . 19.46 -12.61 -0.88
C4 DVJ E . 7.22 -5.58 13.12
C6 DVJ E . 5.35 -7.20 13.31
C11 DVJ E . 1.85 -4.39 11.90
C7 DVJ E . 4.04 -7.23 13.03
C8 DVJ E . 3.68 -5.99 12.49
C12 DVJ E . 2.62 -3.28 11.68
C13 DVJ E . 2.01 -2.02 11.50
N2 DVJ E . 7.63 -7.86 13.95
C3 DVJ E . 7.78 -6.43 14.27
C1 DVJ E . 8.37 -8.68 14.92
N5 DVJ E . 5.82 -5.97 12.95
N9 DVJ E . 4.76 -5.23 12.44
N10 DVJ E . 2.37 -5.67 12.07
N14 DVJ E . 0.71 -1.91 11.55
N15 DVJ E . -0.10 -3.02 11.78
C17 DVJ E . 0.44 -4.24 11.94
O18 DVJ E . -0.27 -5.21 12.14
C19 DVJ E . 2.85 -0.81 11.25
C20 DVJ E . 4.04 -0.64 11.95
C21 DVJ E . 4.84 0.46 11.71
C22 DVJ E . 4.45 1.43 10.80
C23 DVJ E . 3.26 1.27 10.10
C24 DVJ E . 2.47 0.16 10.32
C25 DVJ E . 1.18 0.04 9.54
C26 DVJ E . 0.13 0.89 10.27
O27 DVJ E . -1.07 0.93 9.49
N28 DVJ E . 2.85 2.23 9.16
C29 DVJ E . 2.38 3.44 9.53
O30 DVJ E . 2.32 3.74 10.71
C31 DVJ E . 1.96 4.40 8.50
C32 DVJ E . 1.99 4.15 7.18
C33 DVJ E . 1.55 5.19 6.35
C34 DVJ E . 1.47 5.24 4.93
C35 DVJ E . 1.01 6.34 4.30
C36 DVJ E . 0.62 7.46 5.03
C37 DVJ E . 0.69 7.45 6.40
C38 DVJ E . 1.16 6.32 7.08
S39 DVJ E . 1.36 6.01 8.79
C40 DVJ E . 6.21 -8.28 13.91
H16 DVJ E . -1.08 -2.92 11.81
#